data_7Z6I
#
_entry.id   7Z6I
#
_cell.length_a   65.142
_cell.length_b   74.570
_cell.length_c   77.550
_cell.angle_alpha   90.000
_cell.angle_beta   90.000
_cell.angle_gamma   90.000
#
_symmetry.space_group_name_H-M   'P 21 21 21'
#
loop_
_entity.id
_entity.type
_entity.pdbx_description
1 polymer 'Mitogen-activated protein kinase 14'
2 non-polymer 4-[4-(4-fluorophenyl)-2-[4-[methyl(oxidanyl)-$l^{3}-sulfanyl]phenyl]-1~{H}-imidazol-5-yl]pyridine
3 non-polymer N-(2-cyclobutyl-1H-1,3-benzodiazol-5-yl)benzenesulfonamide
4 water water
#
_entity_poly.entity_id   1
_entity_poly.type   'polypeptide(L)'
_entity_poly.pdbx_seq_one_letter_code
;MSQERPTFYRQELNKTIWEVPERYQNLSPVGSGAYGSVCAAFDTKTGHRVAVKKLSRPFQSIIHAKRTYRELRLLKHMKH
ENVIGLLDVFTPARSLEEFNDVYLVTHLMGADLNNIVKCQKLTDDHVQFLIYQILRGLKYIHSADIIHRDLKPSNLAVNE
DSELKILDFGLARHTDDEMTGYVATRWYRAPEIMLNWMHYNQTVDIWSVGCIMAELLTGRTLFPGTDHIDQLKLILRLVG
TPGAELLKKISSESARNYIQSLAQMPKMNFANVFIGANPLAVDLLEKMLVLDSDKRITAAQALAHAYFAQYHDPDDEPVA
DPYDQSFESRDLLIDEWKSLTYDEVISFVPPPLDQEEMEQ
;
_entity_poly.pdbx_strand_id   AAA
#
loop_
_chem_comp.id
_chem_comp.type
_chem_comp.name
_chem_comp.formula
87B non-polymer N-(2-cyclobutyl-1H-1,3-benzodiazol-5-yl)benzenesulfonamide 'C17 H17 N3 O2 S'
IIM non-polymer 4-[4-(4-fluorophenyl)-2-[4-[methyl(oxidanyl)-$l^{3}-sulfanyl]phenyl]-1~{H}-imidazol-5-yl]pyridine 'C21 H16 F N3 O S'
#
# COMPACT_ATOMS: atom_id res chain seq x y z
N ARG A 5 -11.36 14.36 28.70
CA ARG A 5 -11.45 14.73 27.27
C ARG A 5 -10.71 16.06 27.04
N PRO A 6 -9.79 16.13 26.05
CA PRO A 6 -9.05 17.37 25.80
C PRO A 6 -9.90 18.50 25.22
N THR A 7 -9.33 19.70 25.21
CA THR A 7 -9.95 20.87 24.63
C THR A 7 -9.71 20.88 23.12
N PHE A 8 -10.81 20.95 22.36
CA PHE A 8 -10.74 21.00 20.91
C PHE A 8 -10.83 22.44 20.43
N TYR A 9 -10.31 22.69 19.22
CA TYR A 9 -10.47 23.98 18.56
C TYR A 9 -10.76 23.75 17.08
N ARG A 10 -11.46 24.72 16.49
CA ARG A 10 -12.02 24.62 15.15
C ARG A 10 -11.25 25.48 14.17
N GLN A 11 -11.33 25.11 12.89
CA GLN A 11 -10.52 25.72 11.85
C GLN A 11 -11.01 25.24 10.49
N GLU A 12 -11.04 26.15 9.51
CA GLU A 12 -11.33 25.80 8.12
C GLU A 12 -10.04 25.84 7.32
N LEU A 13 -9.80 24.79 6.53
CA LEU A 13 -8.64 24.70 5.65
C LEU A 13 -9.07 24.09 4.32
N ASN A 14 -8.93 24.85 3.23
CA ASN A 14 -9.33 24.42 1.91
C ASN A 14 -10.78 23.92 1.97
N LYS A 15 -11.64 24.70 2.65
CA LYS A 15 -13.05 24.39 2.75
C LYS A 15 -13.33 23.16 3.61
N THR A 16 -12.30 22.55 4.21
CA THR A 16 -12.53 21.42 5.11
C THR A 16 -12.44 21.90 6.56
N ILE A 17 -13.43 21.51 7.36
CA ILE A 17 -13.48 21.86 8.77
C ILE A 17 -12.66 20.83 9.54
N TRP A 18 -11.65 21.34 10.28
CA TRP A 18 -10.84 20.54 11.19
C TRP A 18 -11.15 20.91 12.64
N GLU A 19 -11.55 19.91 13.44
CA GLU A 19 -11.70 20.07 14.87
C GLU A 19 -10.78 19.08 15.58
N VAL A 20 -9.72 19.59 16.20
CA VAL A 20 -8.69 18.73 16.77
C VAL A 20 -8.39 19.18 18.20
N PRO A 21 -7.85 18.29 19.07
CA PRO A 21 -7.30 18.69 20.36
C PRO A 21 -6.22 19.76 20.20
N GLU A 22 -6.03 20.55 21.26
CA GLU A 22 -5.16 21.72 21.24
C GLU A 22 -3.69 21.30 21.19
N ARG A 23 -3.38 20.08 21.64
CA ARG A 23 -2.01 19.58 21.57
C ARG A 23 -1.49 19.61 20.14
N TYR A 24 -2.37 19.51 19.13
CA TYR A 24 -1.96 19.58 17.74
C TYR A 24 -2.09 21.01 17.23
N GLN A 25 -0.94 21.59 16.83
CA GLN A 25 -0.86 22.99 16.41
C GLN A 25 -0.34 23.10 14.99
N ASN A 26 -0.54 24.27 14.38
CA ASN A 26 0.09 24.63 13.11
C ASN A 26 -0.32 23.65 12.02
N LEU A 27 -1.61 23.35 11.94
CA LEU A 27 -2.13 22.45 10.92
C LEU A 27 -1.86 23.06 9.55
N SER A 28 -1.29 22.24 8.65
CA SER A 28 -0.90 22.71 7.33
C SER A 28 -1.24 21.63 6.30
N PRO A 29 -2.14 21.90 5.33
CA PRO A 29 -2.55 20.90 4.34
C PRO A 29 -1.40 20.34 3.50
N VAL A 30 -1.35 19.00 3.40
CA VAL A 30 -0.34 18.31 2.61
C VAL A 30 -1.01 17.60 1.42
N GLY A 31 -2.29 17.27 1.54
CA GLY A 31 -3.01 16.68 0.42
C GLY A 31 -4.48 16.39 0.75
N SER A 32 -5.25 16.10 -0.31
CA SER A 32 -6.64 15.70 -0.20
C SER A 32 -6.98 14.73 -1.33
N GLY A 33 -8.17 14.14 -1.26
CA GLY A 33 -8.62 13.19 -2.26
C GLY A 33 -9.88 12.45 -1.80
N ALA A 34 -10.05 11.23 -2.32
CA ALA A 34 -11.21 10.39 -1.98
C ALA A 34 -11.02 9.80 -0.57
N TYR A 35 -9.80 9.34 -0.30
CA TYR A 35 -9.44 8.72 0.98
C TYR A 35 -9.77 9.65 2.14
N GLY A 36 -9.51 10.95 1.97
CA GLY A 36 -9.73 11.94 3.01
C GLY A 36 -8.74 13.09 2.89
N SER A 37 -8.64 13.90 3.95
CA SER A 37 -7.75 15.04 3.98
C SER A 37 -6.69 14.85 5.05
N VAL A 38 -5.45 15.20 4.71
CA VAL A 38 -4.32 15.08 5.61
C VAL A 38 -3.75 16.48 5.85
N CYS A 39 -3.42 16.73 7.13
CA CYS A 39 -2.69 17.92 7.54
C CYS A 39 -1.42 17.52 8.27
N ALA A 40 -0.34 18.25 8.00
CA ALA A 40 0.83 18.22 8.86
C ALA A 40 0.54 19.11 10.07
N ALA A 41 1.03 18.69 11.24
CA ALA A 41 0.86 19.44 12.47
C ALA A 41 2.01 19.17 13.43
N PHE A 42 2.05 19.97 14.50
CA PHE A 42 3.06 19.84 15.55
C PHE A 42 2.36 19.36 16.82
N ASP A 43 2.84 18.24 17.38
CA ASP A 43 2.25 17.67 18.57
C ASP A 43 3.00 18.24 19.78
N THR A 44 2.35 19.16 20.50
CA THR A 44 2.98 19.90 21.58
C THR A 44 3.28 18.99 22.75
N LYS A 45 2.58 17.85 22.85
CA LYS A 45 2.79 16.95 23.96
C LYS A 45 4.14 16.23 23.82
N THR A 46 4.55 15.89 22.60
CA THR A 46 5.72 15.04 22.41
C THR A 46 6.89 15.77 21.76
N GLY A 47 6.60 16.87 21.05
CA GLY A 47 7.61 17.56 20.26
C GLY A 47 7.71 17.03 18.83
N HIS A 48 6.94 15.98 18.50
CA HIS A 48 7.03 15.32 17.21
C HIS A 48 6.13 16.03 16.20
N ARG A 49 6.61 16.08 14.94
CA ARG A 49 5.76 16.47 13.83
C ARG A 49 4.91 15.27 13.41
N VAL A 50 3.62 15.52 13.14
CA VAL A 50 2.68 14.45 12.85
C VAL A 50 1.88 14.81 11.61
N ALA A 51 1.29 13.77 11.00
CA ALA A 51 0.28 13.92 9.98
C ALA A 51 -1.07 13.53 10.57
N VAL A 52 -2.08 14.39 10.38
CA VAL A 52 -3.43 14.15 10.86
C VAL A 52 -4.32 13.94 9.64
N LYS A 53 -4.98 12.77 9.58
CA LYS A 53 -5.90 12.48 8.50
C LYS A 53 -7.34 12.52 9.01
N LYS A 54 -8.17 13.36 8.38
CA LYS A 54 -9.60 13.35 8.62
C LYS A 54 -10.28 12.52 7.54
N LEU A 55 -11.03 11.50 7.97
CA LEU A 55 -11.79 10.69 7.04
C LEU A 55 -12.92 11.50 6.43
N SER A 56 -13.15 11.27 5.13
CA SER A 56 -14.25 11.90 4.41
C SER A 56 -15.52 11.06 4.54
N ARG A 57 -16.56 11.65 5.13
CA ARG A 57 -17.87 11.03 5.17
C ARG A 57 -17.75 9.60 5.67
N PRO A 58 -17.21 9.36 6.87
CA PRO A 58 -16.90 8.00 7.32
C PRO A 58 -18.10 7.05 7.36
N PHE A 59 -19.32 7.59 7.53
CA PHE A 59 -20.50 6.76 7.73
C PHE A 59 -21.62 7.11 6.74
N GLN A 60 -21.25 7.35 5.48
CA GLN A 60 -22.17 7.81 4.45
C GLN A 60 -22.96 6.64 3.86
N SER A 61 -22.35 5.44 3.86
CA SER A 61 -22.96 4.21 3.38
C SER A 61 -22.42 3.04 4.20
N ILE A 62 -22.84 1.80 3.91
CA ILE A 62 -22.31 0.65 4.63
C ILE A 62 -20.86 0.43 4.20
N ILE A 63 -20.59 0.59 2.91
CA ILE A 63 -19.24 0.44 2.35
C ILE A 63 -18.29 1.42 3.02
N HIS A 64 -18.69 2.70 3.13
CA HIS A 64 -17.91 3.72 3.80
C HIS A 64 -17.71 3.34 5.25
N ALA A 65 -18.79 2.92 5.92
CA ALA A 65 -18.73 2.62 7.34
C ALA A 65 -17.80 1.43 7.55
N LYS A 66 -17.93 0.41 6.71
CA LYS A 66 -17.13 -0.81 6.81
C LYS A 66 -15.68 -0.47 6.51
N ARG A 67 -15.46 0.42 5.53
CA ARG A 67 -14.12 0.83 5.15
CA ARG A 67 -14.12 0.84 5.15
C ARG A 67 -13.46 1.60 6.30
N THR A 68 -14.24 2.45 6.97
CA THR A 68 -13.76 3.23 8.09
C THR A 68 -13.32 2.30 9.22
N TYR A 69 -14.15 1.30 9.52
CA TYR A 69 -13.83 0.32 10.54
C TYR A 69 -12.54 -0.42 10.16
N ARG A 70 -12.47 -0.83 8.90
CA ARG A 70 -11.33 -1.57 8.37
C ARG A 70 -10.04 -0.77 8.56
N GLU A 71 -10.02 0.49 8.13
CA GLU A 71 -8.81 1.29 8.21
C GLU A 71 -8.36 1.41 9.66
N LEU A 72 -9.30 1.74 10.56
CA LEU A 72 -8.96 1.91 11.97
C LEU A 72 -8.45 0.59 12.55
N ARG A 73 -9.03 -0.55 12.15
CA ARG A 73 -8.59 -1.83 12.68
C ARG A 73 -7.17 -2.13 12.21
N LEU A 74 -6.93 -1.89 10.91
CA LEU A 74 -5.62 -2.07 10.32
C LEU A 74 -4.56 -1.22 11.01
N LEU A 75 -4.82 0.08 11.16
CA LEU A 75 -3.80 1.02 11.65
C LEU A 75 -3.48 0.76 13.12
N LYS A 76 -4.48 0.36 13.90
CA LYS A 76 -4.27 0.00 15.30
C LYS A 76 -3.39 -1.23 15.43
N HIS A 77 -3.37 -2.08 14.39
CA HIS A 77 -2.62 -3.32 14.44
C HIS A 77 -1.15 -3.12 14.06
N MET A 78 -0.85 -2.15 13.19
CA MET A 78 0.47 -2.07 12.57
C MET A 78 1.49 -1.50 13.55
N LYS A 79 2.45 -2.35 13.95
CA LYS A 79 3.52 -1.96 14.86
C LYS A 79 4.87 -2.36 14.24
N HIS A 80 5.34 -1.57 13.28
CA HIS A 80 6.55 -1.87 12.51
C HIS A 80 7.13 -0.58 11.96
N GLU A 81 8.46 -0.53 11.84
CA GLU A 81 9.16 0.68 11.44
C GLU A 81 8.88 1.03 9.99
N ASN A 82 8.47 0.04 9.17
CA ASN A 82 8.29 0.26 7.74
C ASN A 82 6.80 0.28 7.36
N VAL A 83 5.93 0.44 8.36
CA VAL A 83 4.49 0.53 8.15
C VAL A 83 3.93 1.63 9.06
N ILE A 84 3.15 2.56 8.51
CA ILE A 84 2.60 3.60 9.37
C ILE A 84 1.70 2.92 10.41
N GLY A 85 1.83 3.38 11.65
CA GLY A 85 0.93 3.02 12.73
C GLY A 85 0.27 4.24 13.35
N LEU A 86 -0.50 3.99 14.42
CA LEU A 86 -1.29 5.02 15.08
C LEU A 86 -0.56 5.56 16.29
N LEU A 87 -0.29 6.87 16.26
CA LEU A 87 0.05 7.62 17.48
C LEU A 87 -1.22 7.92 18.27
N ASP A 88 -2.30 8.26 17.56
CA ASP A 88 -3.52 8.71 18.21
C ASP A 88 -4.69 8.57 17.23
N VAL A 89 -5.89 8.48 17.81
CA VAL A 89 -7.14 8.55 17.04
C VAL A 89 -8.17 9.25 17.93
N PHE A 90 -8.94 10.18 17.34
CA PHE A 90 -9.88 10.96 18.11
C PHE A 90 -11.08 11.36 17.26
N THR A 91 -12.16 11.69 17.98
CA THR A 91 -13.33 12.34 17.43
C THR A 91 -13.67 13.50 18.36
N PRO A 92 -14.20 14.63 17.86
CA PRO A 92 -14.74 15.68 18.72
C PRO A 92 -16.11 15.35 19.31
N ALA A 93 -16.73 14.25 18.86
CA ALA A 93 -18.00 13.79 19.40
C ALA A 93 -17.84 13.34 20.85
N ARG A 94 -18.86 13.62 21.67
CA ARG A 94 -18.87 13.28 23.07
C ARG A 94 -19.66 11.99 23.34
N SER A 95 -20.43 11.53 22.33
CA SER A 95 -21.15 10.28 22.43
C SER A 95 -21.28 9.61 21.07
N LEU A 96 -21.78 8.38 21.08
CA LEU A 96 -22.04 7.60 19.87
C LEU A 96 -23.02 8.34 18.96
N GLU A 97 -24.02 8.99 19.56
CA GLU A 97 -25.13 9.59 18.83
C GLU A 97 -24.60 10.63 17.84
N GLU A 98 -23.62 11.43 18.28
CA GLU A 98 -23.13 12.56 17.49
C GLU A 98 -21.77 12.25 16.87
N PHE A 99 -21.44 10.95 16.72
CA PHE A 99 -20.18 10.49 16.17
C PHE A 99 -20.28 10.44 14.64
N ASN A 100 -19.65 11.39 13.94
CA ASN A 100 -19.66 11.37 12.49
C ASN A 100 -18.33 11.83 11.92
N ASP A 101 -17.26 11.84 12.73
CA ASP A 101 -15.96 12.31 12.27
C ASP A 101 -14.86 11.49 12.95
N VAL A 102 -13.86 11.08 12.14
CA VAL A 102 -12.74 10.29 12.63
C VAL A 102 -11.45 10.94 12.15
N TYR A 103 -10.51 11.12 13.08
CA TYR A 103 -9.19 11.65 12.79
C TYR A 103 -8.14 10.64 13.25
N LEU A 104 -7.12 10.43 12.41
CA LEU A 104 -6.05 9.47 12.62
C LEU A 104 -4.71 10.22 12.61
N VAL A 105 -3.78 9.79 13.48
CA VAL A 105 -2.53 10.51 13.68
C VAL A 105 -1.36 9.52 13.56
N THR A 106 -0.36 9.89 12.75
CA THR A 106 0.85 9.11 12.56
C THR A 106 2.02 10.08 12.44
N HIS A 107 3.26 9.56 12.52
CA HIS A 107 4.44 10.39 12.40
C HIS A 107 4.47 10.98 10.99
N LEU A 108 4.84 12.26 10.88
CA LEU A 108 4.87 12.93 9.59
C LEU A 108 6.00 12.35 8.75
N MET A 109 5.71 12.11 7.48
CA MET A 109 6.68 11.66 6.50
C MET A 109 6.71 12.71 5.39
N GLY A 110 7.92 13.12 4.98
CA GLY A 110 8.09 14.29 4.14
C GLY A 110 7.49 14.13 2.74
N ALA A 111 7.69 12.96 2.13
CA ALA A 111 7.45 12.79 0.70
C ALA A 111 6.94 11.39 0.39
N ASP A 112 6.90 11.05 -0.90
CA ASP A 112 6.60 9.70 -1.34
C ASP A 112 7.52 9.37 -2.51
N LEU A 113 7.51 8.10 -2.95
CA LEU A 113 8.38 7.66 -4.04
C LEU A 113 7.92 8.26 -5.37
N ASN A 114 6.64 8.62 -5.43
CA ASN A 114 6.05 9.22 -6.61
C ASN A 114 6.83 10.47 -6.99
N ASN A 115 7.33 11.17 -5.95
CA ASN A 115 8.02 12.44 -6.13
C ASN A 115 9.51 12.34 -5.75
N ILE A 116 9.97 11.17 -5.30
CA ILE A 116 11.41 10.95 -5.09
C ILE A 116 12.02 10.48 -6.41
N VAL A 117 11.27 9.65 -7.15
CA VAL A 117 11.69 9.33 -8.50
C VAL A 117 11.69 10.64 -9.29
N LYS A 118 11.14 11.71 -8.68
CA LYS A 118 11.05 13.00 -9.33
C LYS A 118 10.74 12.74 -10.79
N CYS A 119 11.78 12.84 -11.63
CA CYS A 119 11.73 12.39 -13.02
C CYS A 119 13.17 12.03 -13.40
N GLN A 120 13.86 11.37 -12.46
CA GLN A 120 15.25 10.95 -12.64
C GLN A 120 15.46 9.61 -11.92
N LYS A 121 16.52 8.89 -12.27
CA LYS A 121 16.77 7.56 -11.71
C LYS A 121 17.61 7.68 -10.43
N LEU A 122 17.51 6.67 -9.55
CA LEU A 122 18.27 6.65 -8.31
C LEU A 122 19.54 5.81 -8.50
N THR A 123 20.43 5.89 -7.51
CA THR A 123 21.63 5.06 -7.49
C THR A 123 21.25 3.66 -6.99
N ASP A 124 22.10 2.68 -7.30
CA ASP A 124 21.81 1.30 -6.96
C ASP A 124 21.75 1.13 -5.45
N ASP A 125 22.61 1.88 -4.74
CA ASP A 125 22.74 1.78 -3.30
C ASP A 125 21.47 2.32 -2.63
N HIS A 126 20.88 3.36 -3.23
CA HIS A 126 19.67 3.97 -2.69
C HIS A 126 18.50 3.00 -2.90
N VAL A 127 18.40 2.44 -4.11
CA VAL A 127 17.35 1.50 -4.47
C VAL A 127 17.37 0.32 -3.50
N GLN A 128 18.57 -0.22 -3.26
CA GLN A 128 18.75 -1.34 -2.36
C GLN A 128 18.07 -1.07 -1.02
N PHE A 129 18.27 0.14 -0.49
CA PHE A 129 17.78 0.49 0.84
C PHE A 129 16.25 0.62 0.82
N LEU A 130 15.73 1.28 -0.21
CA LEU A 130 14.31 1.57 -0.32
C LEU A 130 13.52 0.27 -0.51
N ILE A 131 13.94 -0.57 -1.47
CA ILE A 131 13.26 -1.81 -1.74
C ILE A 131 13.37 -2.74 -0.52
N TYR A 132 14.55 -2.76 0.13
CA TYR A 132 14.74 -3.55 1.33
C TYR A 132 13.65 -3.22 2.35
N GLN A 133 13.44 -1.94 2.59
CA GLN A 133 12.47 -1.47 3.57
C GLN A 133 11.04 -1.83 3.15
N ILE A 134 10.73 -1.71 1.86
CA ILE A 134 9.43 -2.11 1.36
C ILE A 134 9.19 -3.59 1.72
N LEU A 135 10.21 -4.42 1.44
CA LEU A 135 10.08 -5.86 1.59
C LEU A 135 9.93 -6.23 3.06
N ARG A 136 10.69 -5.55 3.92
CA ARG A 136 10.65 -5.78 5.35
C ARG A 136 9.26 -5.47 5.89
N GLY A 137 8.65 -4.39 5.38
CA GLY A 137 7.30 -4.00 5.76
C GLY A 137 6.26 -4.99 5.23
N LEU A 138 6.48 -5.50 4.01
CA LEU A 138 5.56 -6.44 3.38
C LEU A 138 5.66 -7.78 4.10
N LYS A 139 6.86 -8.16 4.54
CA LYS A 139 6.99 -9.41 5.26
C LYS A 139 6.08 -9.38 6.48
N TYR A 140 6.11 -8.25 7.20
CA TYR A 140 5.33 -8.07 8.41
C TYR A 140 3.84 -8.12 8.08
N ILE A 141 3.41 -7.34 7.09
CA ILE A 141 2.01 -7.25 6.69
C ILE A 141 1.52 -8.63 6.24
N HIS A 142 2.29 -9.27 5.34
CA HIS A 142 1.95 -10.59 4.81
C HIS A 142 1.81 -11.62 5.94
N SER A 143 2.63 -11.50 6.99
CA SER A 143 2.64 -12.47 8.06
C SER A 143 1.32 -12.46 8.84
N ALA A 144 0.57 -11.35 8.77
CA ALA A 144 -0.73 -11.24 9.42
C ALA A 144 -1.86 -11.59 8.46
N ASP A 145 -1.52 -12.10 7.27
CA ASP A 145 -2.48 -12.44 6.22
C ASP A 145 -3.14 -11.15 5.71
N ILE A 146 -2.40 -10.05 5.77
CA ILE A 146 -2.83 -8.80 5.15
C ILE A 146 -2.09 -8.66 3.83
N ILE A 147 -2.83 -8.35 2.76
CA ILE A 147 -2.30 -8.09 1.43
C ILE A 147 -2.61 -6.64 1.08
N HIS A 148 -1.62 -5.88 0.59
CA HIS A 148 -1.83 -4.48 0.26
C HIS A 148 -2.79 -4.36 -0.94
N ARG A 149 -2.44 -5.02 -2.07
CA ARG A 149 -3.26 -5.13 -3.27
C ARG A 149 -3.14 -3.93 -4.22
N ASP A 150 -2.67 -2.77 -3.75
CA ASP A 150 -2.56 -1.60 -4.62
C ASP A 150 -1.27 -0.85 -4.34
N LEU A 151 -0.17 -1.58 -4.17
CA LEU A 151 1.12 -0.98 -3.84
C LEU A 151 1.59 -0.17 -5.04
N LYS A 152 1.97 1.09 -4.79
CA LYS A 152 2.48 1.95 -5.84
C LYS A 152 3.28 3.11 -5.24
N PRO A 153 4.12 3.81 -6.02
CA PRO A 153 5.00 4.85 -5.48
C PRO A 153 4.32 5.84 -4.55
N SER A 154 3.07 6.22 -4.89
CA SER A 154 2.35 7.24 -4.16
C SER A 154 1.90 6.76 -2.78
N ASN A 155 1.97 5.45 -2.49
CA ASN A 155 1.59 5.02 -1.14
CA ASN A 155 1.57 4.85 -1.22
C ASN A 155 2.80 4.51 -0.38
N LEU A 156 3.99 4.90 -0.84
CA LEU A 156 5.21 4.66 -0.10
C LEU A 156 5.79 6.00 0.36
N ALA A 157 5.65 6.27 1.66
CA ALA A 157 6.11 7.52 2.24
C ALA A 157 7.59 7.40 2.62
N VAL A 158 8.35 8.48 2.43
CA VAL A 158 9.78 8.48 2.71
CA VAL A 158 9.79 8.49 2.68
C VAL A 158 10.17 9.77 3.44
N ASN A 159 11.06 9.62 4.41
CA ASN A 159 11.67 10.72 5.16
C ASN A 159 12.78 11.38 4.35
N GLU A 160 13.33 12.46 4.91
CA GLU A 160 14.50 13.12 4.34
C GLU A 160 15.74 12.24 4.54
N ASP A 161 15.74 11.35 5.55
CA ASP A 161 16.85 10.41 5.68
C ASP A 161 16.53 9.06 5.02
N SER A 162 15.52 9.04 4.13
CA SER A 162 15.33 7.92 3.22
C SER A 162 14.73 6.70 3.94
N GLU A 163 14.17 6.91 5.14
CA GLU A 163 13.43 5.87 5.83
C GLU A 163 12.03 5.80 5.22
N LEU A 164 11.54 4.58 5.01
CA LEU A 164 10.35 4.35 4.19
C LEU A 164 9.27 3.64 4.99
N LYS A 165 8.00 4.03 4.74
CA LYS A 165 6.87 3.34 5.30
C LYS A 165 5.77 3.16 4.25
N ILE A 166 5.12 2.00 4.32
CA ILE A 166 3.95 1.68 3.52
C ILE A 166 2.73 2.34 4.17
N LEU A 167 1.84 2.93 3.36
CA LEU A 167 0.54 3.41 3.82
C LEU A 167 -0.56 2.92 2.86
N ASP A 168 -1.85 3.08 3.25
CA ASP A 168 -3.02 2.70 2.45
C ASP A 168 -3.12 1.19 2.22
N PHE A 169 -2.55 0.38 3.13
CA PHE A 169 -2.51 -1.07 3.01
C PHE A 169 -3.83 -1.68 3.46
N GLY A 170 -4.17 -2.83 2.86
CA GLY A 170 -5.28 -3.68 3.29
C GLY A 170 -6.68 -3.07 2.89
N LEU A 171 -6.71 -1.91 2.19
CA LEU A 171 -7.98 -1.19 1.94
C LEU A 171 -8.43 -1.45 0.49
N ALA A 172 -7.56 -1.97 -0.36
CA ALA A 172 -8.00 -2.32 -1.73
C ALA A 172 -9.00 -3.48 -1.64
N ARG A 173 -10.25 -3.18 -1.25
CA ARG A 173 -11.27 -4.24 -1.07
C ARG A 173 -12.57 -3.79 -1.76
N HIS A 174 -12.46 -2.86 -2.71
CA HIS A 174 -13.66 -2.35 -3.44
C HIS A 174 -14.43 -3.53 -4.02
N THR A 175 -13.81 -4.33 -4.89
CA THR A 175 -14.45 -5.52 -5.53
C THR A 175 -15.59 -5.09 -6.46
N ASP A 176 -15.41 -5.21 -7.78
CA ASP A 176 -16.47 -4.86 -8.76
C ASP A 176 -16.85 -3.38 -8.63
N ASP A 177 -17.84 -3.05 -7.80
CA ASP A 177 -18.33 -1.65 -7.67
C ASP A 177 -17.18 -0.68 -7.96
N GLU A 178 -17.25 0.05 -9.07
CA GLU A 178 -16.16 0.97 -9.46
C GLU A 178 -16.32 2.33 -8.78
N MET A 179 -17.29 3.17 -9.19
CA MET A 179 -17.57 4.51 -8.70
C MET A 179 -16.26 5.27 -8.51
N THR A 180 -15.39 4.72 -7.65
CA THR A 180 -14.11 5.32 -7.36
C THR A 180 -13.16 5.06 -8.53
N GLY A 181 -13.59 4.31 -9.54
CA GLY A 181 -12.72 3.97 -10.69
C GLY A 181 -11.48 4.84 -10.80
N TYR A 182 -10.35 4.39 -10.22
CA TYR A 182 -9.08 5.15 -10.22
C TYR A 182 -8.15 4.63 -11.33
N VAL A 183 -7.18 5.44 -11.78
CA VAL A 183 -6.35 5.03 -12.90
C VAL A 183 -4.89 5.31 -12.57
N ALA A 184 -3.99 4.73 -13.37
CA ALA A 184 -2.55 4.82 -13.19
C ALA A 184 -2.09 3.98 -11.99
N THR A 185 -3.01 3.16 -11.48
CA THR A 185 -2.64 2.19 -10.43
C THR A 185 -2.47 0.85 -11.15
N ARG A 186 -3.02 0.77 -12.36
CA ARG A 186 -2.87 -0.46 -13.19
C ARG A 186 -1.40 -0.74 -13.50
N TRP A 187 -0.58 0.31 -13.54
CA TRP A 187 0.82 0.17 -13.90
C TRP A 187 1.56 -0.78 -12.97
N TYR A 188 1.12 -0.89 -11.70
CA TYR A 188 1.84 -1.67 -10.71
C TYR A 188 1.04 -2.89 -10.27
N ARG A 189 -0.13 -3.11 -10.85
CA ARG A 189 -0.99 -4.19 -10.39
CA ARG A 189 -1.02 -4.18 -10.41
C ARG A 189 -0.57 -5.50 -11.04
N ALA A 190 -0.56 -6.57 -10.23
CA ALA A 190 -0.19 -7.90 -10.72
C ALA A 190 -1.22 -8.35 -11.75
N PRO A 191 -0.80 -9.04 -12.84
CA PRO A 191 -1.74 -9.49 -13.86
C PRO A 191 -2.93 -10.26 -13.29
N GLU A 192 -2.71 -11.10 -12.28
CA GLU A 192 -3.75 -12.01 -11.82
C GLU A 192 -4.86 -11.30 -11.04
N ILE A 193 -4.56 -10.16 -10.39
CA ILE A 193 -5.58 -9.39 -9.68
C ILE A 193 -6.29 -8.45 -10.65
N MET A 194 -5.59 -7.98 -11.69
CA MET A 194 -6.16 -7.02 -12.62
C MET A 194 -7.15 -7.72 -13.54
N LEU A 195 -6.84 -8.95 -13.95
CA LEU A 195 -7.64 -9.69 -14.92
C LEU A 195 -8.33 -10.89 -14.26
N ASN A 196 -8.08 -11.09 -12.95
CA ASN A 196 -8.70 -12.16 -12.20
C ASN A 196 -8.42 -13.51 -12.86
N TRP A 197 -7.19 -13.66 -13.38
CA TRP A 197 -6.72 -14.87 -14.04
C TRP A 197 -6.93 -16.09 -13.16
N MET A 198 -6.16 -16.13 -12.08
CA MET A 198 -5.99 -17.33 -11.26
C MET A 198 -6.09 -16.91 -9.79
N HIS A 199 -6.01 -17.92 -8.90
CA HIS A 199 -5.95 -17.67 -7.47
C HIS A 199 -4.79 -16.70 -7.20
N TYR A 200 -5.07 -15.68 -6.37
CA TYR A 200 -4.07 -14.68 -6.05
C TYR A 200 -3.69 -14.84 -4.58
N ASN A 201 -2.41 -14.57 -4.28
CA ASN A 201 -1.90 -14.67 -2.93
C ASN A 201 -1.18 -13.35 -2.59
N GLN A 202 -0.38 -13.39 -1.53
CA GLN A 202 0.36 -12.24 -1.04
C GLN A 202 1.31 -11.69 -2.10
N THR A 203 1.75 -12.53 -3.05
CA THR A 203 2.78 -12.13 -4.00
C THR A 203 2.23 -11.21 -5.07
N VAL A 204 0.93 -10.89 -5.03
CA VAL A 204 0.42 -9.77 -5.82
C VAL A 204 1.26 -8.53 -5.49
N ASP A 205 1.68 -8.38 -4.22
CA ASP A 205 2.39 -7.18 -3.78
C ASP A 205 3.84 -7.19 -4.27
N ILE A 206 4.42 -8.39 -4.41
CA ILE A 206 5.78 -8.54 -4.90
C ILE A 206 5.88 -8.09 -6.36
N TRP A 207 4.83 -8.34 -7.13
CA TRP A 207 4.80 -7.88 -8.50
C TRP A 207 4.93 -6.35 -8.53
N SER A 208 4.14 -5.68 -7.66
CA SER A 208 4.17 -4.23 -7.54
C SER A 208 5.58 -3.76 -7.21
N VAL A 209 6.23 -4.42 -6.24
CA VAL A 209 7.57 -4.08 -5.82
C VAL A 209 8.53 -4.20 -7.01
N GLY A 210 8.40 -5.28 -7.77
CA GLY A 210 9.18 -5.47 -8.98
C GLY A 210 9.04 -4.28 -9.93
N CYS A 211 7.80 -3.82 -10.12
CA CYS A 211 7.50 -2.71 -11.01
C CYS A 211 8.10 -1.41 -10.45
N ILE A 212 8.05 -1.25 -9.13
CA ILE A 212 8.57 -0.04 -8.49
C ILE A 212 10.09 -0.03 -8.59
N MET A 213 10.71 -1.16 -8.25
CA MET A 213 12.16 -1.29 -8.28
C MET A 213 12.67 -0.99 -9.69
N ALA A 214 12.05 -1.61 -10.70
CA ALA A 214 12.37 -1.36 -12.09
C ALA A 214 12.40 0.14 -12.39
N GLU A 215 11.37 0.84 -11.93
CA GLU A 215 11.17 2.25 -12.24
C GLU A 215 12.25 3.11 -11.58
N LEU A 216 12.73 2.71 -10.40
CA LEU A 216 13.72 3.47 -9.65
C LEU A 216 15.08 3.37 -10.34
N LEU A 217 15.38 2.20 -10.91
CA LEU A 217 16.67 1.93 -11.54
C LEU A 217 16.78 2.56 -12.91
N THR A 218 15.65 2.73 -13.63
CA THR A 218 15.68 3.17 -15.02
C THR A 218 15.08 4.57 -15.20
N GLY A 219 14.23 5.02 -14.26
CA GLY A 219 13.55 6.29 -14.39
C GLY A 219 12.31 6.24 -15.27
N ARG A 220 11.92 5.03 -15.72
CA ARG A 220 10.78 4.84 -16.58
C ARG A 220 9.78 3.89 -15.93
N THR A 221 8.49 4.19 -16.10
CA THR A 221 7.43 3.23 -15.80
C THR A 221 7.67 1.95 -16.60
N LEU A 222 7.69 0.80 -15.91
CA LEU A 222 8.01 -0.45 -16.59
C LEU A 222 6.89 -0.80 -17.57
N PHE A 223 5.64 -0.67 -17.12
CA PHE A 223 4.49 -1.07 -17.90
C PHE A 223 3.42 0.03 -17.87
N PRO A 224 3.61 1.14 -18.62
CA PRO A 224 2.63 2.23 -18.63
C PRO A 224 1.44 1.98 -19.55
N GLY A 225 0.58 1.04 -19.14
CA GLY A 225 -0.62 0.71 -19.90
C GLY A 225 -1.68 1.81 -19.83
N THR A 226 -2.45 1.97 -20.93
CA THR A 226 -3.53 2.94 -21.01
C THR A 226 -4.89 2.30 -20.71
N ASP A 227 -4.93 0.96 -20.63
CA ASP A 227 -6.11 0.22 -20.18
C ASP A 227 -5.67 -1.22 -19.88
N HIS A 228 -6.62 -2.06 -19.43
CA HIS A 228 -6.29 -3.42 -19.02
C HIS A 228 -5.65 -4.23 -20.14
N ILE A 229 -6.07 -3.99 -21.39
CA ILE A 229 -5.62 -4.79 -22.52
C ILE A 229 -4.21 -4.34 -22.92
N ASP A 230 -4.01 -3.03 -23.01
CA ASP A 230 -2.70 -2.47 -23.28
C ASP A 230 -1.72 -2.91 -22.20
N GLN A 231 -2.17 -2.86 -20.93
CA GLN A 231 -1.34 -3.19 -19.78
C GLN A 231 -0.83 -4.62 -19.91
N LEU A 232 -1.74 -5.55 -20.20
CA LEU A 232 -1.37 -6.95 -20.34
C LEU A 232 -0.41 -7.14 -21.51
N LYS A 233 -0.63 -6.40 -22.61
CA LYS A 233 0.23 -6.45 -23.78
C LYS A 233 1.65 -6.08 -23.38
N LEU A 234 1.81 -4.96 -22.66
CA LEU A 234 3.12 -4.50 -22.24
C LEU A 234 3.79 -5.54 -21.34
N ILE A 235 3.01 -6.18 -20.46
CA ILE A 235 3.56 -7.17 -19.54
C ILE A 235 4.07 -8.38 -20.32
N LEU A 236 3.26 -8.92 -21.24
CA LEU A 236 3.63 -10.13 -21.97
C LEU A 236 4.84 -9.89 -22.88
N ARG A 237 5.03 -8.64 -23.33
CA ARG A 237 6.19 -8.29 -24.14
C ARG A 237 7.49 -8.54 -23.38
N LEU A 238 7.47 -8.39 -22.04
CA LEU A 238 8.66 -8.57 -21.23
C LEU A 238 8.76 -10.01 -20.74
N VAL A 239 7.70 -10.53 -20.11
CA VAL A 239 7.77 -11.80 -19.41
C VAL A 239 7.45 -12.96 -20.35
N GLY A 240 6.87 -12.67 -21.51
CA GLY A 240 6.44 -13.72 -22.44
C GLY A 240 5.04 -14.23 -22.13
N THR A 241 4.38 -14.77 -23.15
CA THR A 241 3.07 -15.38 -23.00
C THR A 241 3.19 -16.61 -22.11
N PRO A 242 2.15 -16.91 -21.28
CA PRO A 242 2.14 -18.08 -20.42
C PRO A 242 2.54 -19.39 -21.07
N GLY A 243 3.33 -20.20 -20.34
CA GLY A 243 3.70 -21.54 -20.78
C GLY A 243 2.57 -22.55 -20.53
N ALA A 244 2.89 -23.83 -20.73
CA ALA A 244 1.92 -24.90 -20.56
C ALA A 244 1.42 -24.95 -19.12
N GLU A 245 2.36 -24.92 -18.17
CA GLU A 245 2.06 -25.10 -16.75
C GLU A 245 1.13 -24.00 -16.26
N LEU A 246 1.30 -22.77 -16.77
CA LEU A 246 0.56 -21.62 -16.26
C LEU A 246 -0.82 -21.55 -16.91
N LEU A 247 -0.90 -21.87 -18.20
CA LEU A 247 -2.18 -21.89 -18.91
C LEU A 247 -3.19 -22.78 -18.20
N LYS A 248 -2.73 -23.95 -17.75
CA LYS A 248 -3.55 -24.94 -17.07
C LYS A 248 -4.25 -24.37 -15.84
N LYS A 249 -3.65 -23.35 -15.19
CA LYS A 249 -4.14 -22.87 -13.91
C LYS A 249 -5.04 -21.64 -14.06
N ILE A 250 -5.28 -21.21 -15.30
CA ILE A 250 -6.15 -20.06 -15.53
C ILE A 250 -7.60 -20.51 -15.39
N SER A 251 -8.28 -20.00 -14.36
CA SER A 251 -9.62 -20.43 -14.01
C SER A 251 -10.67 -19.85 -14.97
N SER A 252 -10.41 -18.63 -15.48
CA SER A 252 -11.32 -17.95 -16.39
C SER A 252 -11.14 -18.43 -17.83
N GLU A 253 -12.27 -18.73 -18.50
CA GLU A 253 -12.24 -19.12 -19.90
C GLU A 253 -11.97 -17.91 -20.80
N SER A 254 -12.63 -16.79 -20.49
CA SER A 254 -12.42 -15.54 -21.23
C SER A 254 -10.94 -15.17 -21.23
N ALA A 255 -10.32 -15.16 -20.04
CA ALA A 255 -8.93 -14.77 -19.96
C ALA A 255 -8.08 -15.72 -20.79
N ARG A 256 -8.22 -17.02 -20.51
CA ARG A 256 -7.46 -18.08 -21.16
C ARG A 256 -7.67 -18.00 -22.67
N ASN A 257 -8.91 -17.75 -23.08
CA ASN A 257 -9.23 -17.57 -24.49
C ASN A 257 -8.46 -16.38 -25.04
N TYR A 258 -8.43 -15.27 -24.29
CA TYR A 258 -7.81 -14.05 -24.78
C TYR A 258 -6.30 -14.22 -24.93
N ILE A 259 -5.66 -14.81 -23.92
CA ILE A 259 -4.21 -15.00 -23.93
C ILE A 259 -3.80 -15.82 -25.15
N GLN A 260 -4.53 -16.91 -25.41
CA GLN A 260 -4.21 -17.83 -26.50
C GLN A 260 -4.58 -17.23 -27.85
N SER A 261 -5.41 -16.17 -27.85
CA SER A 261 -5.80 -15.51 -29.08
C SER A 261 -4.73 -14.54 -29.54
N LEU A 262 -3.75 -14.25 -28.67
CA LEU A 262 -2.73 -13.26 -29.00
C LEU A 262 -1.52 -13.94 -29.61
N ALA A 263 -0.77 -13.19 -30.43
CA ALA A 263 0.46 -13.69 -31.01
C ALA A 263 1.44 -14.02 -29.89
N GLN A 264 2.04 -15.22 -29.95
CA GLN A 264 2.88 -15.72 -28.89
C GLN A 264 4.13 -14.85 -28.78
N MET A 265 4.49 -14.51 -27.54
CA MET A 265 5.65 -13.68 -27.23
C MET A 265 6.68 -14.51 -26.47
N PRO A 266 7.99 -14.36 -26.78
CA PRO A 266 9.02 -14.98 -25.95
C PRO A 266 9.28 -14.16 -24.70
N LYS A 267 9.78 -14.83 -23.65
CA LYS A 267 10.34 -14.13 -22.52
C LYS A 267 11.64 -13.45 -22.95
N MET A 268 11.80 -12.17 -22.57
CA MET A 268 13.01 -11.44 -22.87
C MET A 268 14.09 -11.77 -21.85
N ASN A 269 15.34 -11.57 -22.26
CA ASN A 269 16.48 -11.62 -21.35
CA ASN A 269 16.49 -11.60 -21.36
C ASN A 269 16.50 -10.29 -20.58
N PHE A 270 16.34 -10.36 -19.26
CA PHE A 270 16.22 -9.16 -18.44
C PHE A 270 17.54 -8.37 -18.44
N ALA A 271 18.67 -9.08 -18.54
CA ALA A 271 19.98 -8.46 -18.65
C ALA A 271 20.01 -7.46 -19.81
N ASN A 272 19.33 -7.79 -20.91
CA ASN A 272 19.23 -6.91 -22.06
C ASN A 272 18.35 -5.71 -21.71
N VAL A 273 17.14 -5.98 -21.20
CA VAL A 273 16.15 -4.94 -20.92
C VAL A 273 16.70 -3.95 -19.90
N PHE A 274 17.29 -4.46 -18.80
CA PHE A 274 17.74 -3.62 -17.70
C PHE A 274 19.24 -3.38 -17.84
N ILE A 275 19.61 -2.77 -18.97
CA ILE A 275 20.99 -2.77 -19.42
C ILE A 275 21.80 -1.83 -18.52
N GLY A 276 22.89 -2.36 -17.96
CA GLY A 276 23.81 -1.60 -17.13
C GLY A 276 23.52 -1.74 -15.64
N ALA A 277 22.34 -2.27 -15.30
CA ALA A 277 21.92 -2.41 -13.90
C ALA A 277 22.79 -3.44 -13.19
N ASN A 278 22.82 -3.34 -11.87
CA ASN A 278 23.46 -4.34 -11.03
C ASN A 278 22.85 -5.71 -11.35
N PRO A 279 23.66 -6.71 -11.80
CA PRO A 279 23.13 -8.05 -12.10
C PRO A 279 22.42 -8.77 -10.96
N LEU A 280 22.70 -8.39 -9.71
CA LEU A 280 21.92 -8.90 -8.58
C LEU A 280 20.51 -8.32 -8.60
N ALA A 281 20.38 -7.06 -9.01
CA ALA A 281 19.08 -6.40 -9.12
C ALA A 281 18.26 -7.04 -10.23
N VAL A 282 18.90 -7.32 -11.36
CA VAL A 282 18.24 -7.92 -12.51
C VAL A 282 17.70 -9.30 -12.10
N ASP A 283 18.53 -10.06 -11.39
CA ASP A 283 18.20 -11.40 -10.96
C ASP A 283 16.97 -11.37 -10.04
N LEU A 284 16.93 -10.39 -9.13
CA LEU A 284 15.81 -10.27 -8.21
C LEU A 284 14.55 -9.88 -8.98
N LEU A 285 14.68 -8.95 -9.92
CA LEU A 285 13.59 -8.56 -10.80
C LEU A 285 13.02 -9.77 -11.52
N GLU A 286 13.89 -10.65 -12.03
CA GLU A 286 13.49 -11.89 -12.68
C GLU A 286 12.59 -12.71 -11.76
N LYS A 287 12.94 -12.76 -10.47
CA LYS A 287 12.23 -13.60 -9.51
C LYS A 287 10.91 -12.94 -9.07
N MET A 288 10.78 -11.63 -9.29
CA MET A 288 9.61 -10.88 -8.84
C MET A 288 8.59 -10.78 -9.96
N LEU A 289 9.04 -10.61 -11.21
CA LEU A 289 8.15 -10.39 -12.33
C LEU A 289 7.88 -11.70 -13.09
N VAL A 290 7.39 -12.71 -12.37
CA VAL A 290 6.93 -13.96 -12.98
C VAL A 290 5.41 -13.97 -12.94
N LEU A 291 4.78 -14.39 -14.05
CA LEU A 291 3.32 -14.39 -14.14
C LEU A 291 2.73 -15.36 -13.14
N ASP A 292 3.38 -16.52 -12.97
CA ASP A 292 2.83 -17.56 -12.11
C ASP A 292 3.02 -17.17 -10.65
N SER A 293 1.90 -16.84 -9.99
CA SER A 293 1.89 -16.37 -8.62
C SER A 293 2.39 -17.44 -7.65
N ASP A 294 2.33 -18.72 -8.05
CA ASP A 294 2.86 -19.78 -7.22
C ASP A 294 4.39 -19.78 -7.25
N LYS A 295 4.99 -19.20 -8.30
CA LYS A 295 6.44 -19.26 -8.48
C LYS A 295 7.11 -17.92 -8.15
N ARG A 296 6.33 -16.87 -7.89
CA ARG A 296 6.85 -15.55 -7.57
C ARG A 296 7.48 -15.57 -6.18
N ILE A 297 8.64 -14.93 -6.05
CA ILE A 297 9.36 -14.88 -4.79
C ILE A 297 8.50 -14.19 -3.73
N THR A 298 8.63 -14.63 -2.47
CA THR A 298 7.93 -14.03 -1.36
C THR A 298 8.76 -12.90 -0.77
N ALA A 299 8.14 -12.10 0.10
CA ALA A 299 8.83 -11.03 0.81
C ALA A 299 10.01 -11.60 1.60
N ALA A 300 9.75 -12.61 2.44
CA ALA A 300 10.78 -13.18 3.30
C ALA A 300 11.94 -13.69 2.47
N GLN A 301 11.63 -14.33 1.32
CA GLN A 301 12.64 -14.87 0.43
C GLN A 301 13.40 -13.75 -0.26
N ALA A 302 12.71 -12.66 -0.63
CA ALA A 302 13.35 -11.55 -1.32
C ALA A 302 14.38 -10.89 -0.41
N LEU A 303 14.04 -10.79 0.89
CA LEU A 303 14.92 -10.19 1.89
C LEU A 303 16.26 -10.92 1.96
N ALA A 304 16.26 -12.24 1.68
CA ALA A 304 17.45 -13.07 1.84
C ALA A 304 18.26 -13.10 0.55
N HIS A 305 17.78 -12.41 -0.49
CA HIS A 305 18.49 -12.33 -1.76
C HIS A 305 19.78 -11.53 -1.53
N ALA A 306 20.82 -11.89 -2.29
CA ALA A 306 22.16 -11.36 -2.10
C ALA A 306 22.20 -9.87 -2.43
N TYR A 307 21.23 -9.39 -3.21
CA TYR A 307 21.11 -7.97 -3.51
C TYR A 307 21.02 -7.17 -2.21
N PHE A 308 20.47 -7.78 -1.14
CA PHE A 308 20.24 -7.06 0.10
C PHE A 308 21.25 -7.43 1.19
N ALA A 309 22.40 -8.03 0.81
CA ALA A 309 23.34 -8.56 1.79
C ALA A 309 23.81 -7.50 2.79
N GLN A 310 23.88 -6.23 2.34
CA GLN A 310 24.31 -5.14 3.19
C GLN A 310 23.28 -4.82 4.29
N TYR A 311 22.01 -5.17 4.09
CA TYR A 311 20.95 -4.76 5.02
C TYR A 311 20.27 -5.94 5.70
N HIS A 312 20.36 -7.14 5.10
CA HIS A 312 19.56 -8.26 5.57
C HIS A 312 20.01 -8.67 6.97
N ASP A 313 19.06 -8.77 7.90
CA ASP A 313 19.32 -9.28 9.23
C ASP A 313 18.11 -10.09 9.69
N PRO A 314 18.18 -11.44 9.68
CA PRO A 314 17.01 -12.28 9.99
C PRO A 314 16.51 -12.12 11.41
N ASP A 315 17.34 -11.52 12.28
CA ASP A 315 17.00 -11.30 13.67
C ASP A 315 16.28 -9.96 13.84
N ASP A 316 16.23 -9.12 12.79
CA ASP A 316 15.53 -7.84 12.84
C ASP A 316 14.64 -7.66 11.61
N GLU A 317 13.92 -8.72 11.23
CA GLU A 317 12.92 -8.65 10.16
C GLU A 317 11.65 -9.31 10.71
N PRO A 318 10.98 -8.64 11.67
CA PRO A 318 9.95 -9.29 12.48
C PRO A 318 8.65 -9.53 11.71
N VAL A 319 7.83 -10.41 12.29
CA VAL A 319 6.50 -10.75 11.81
C VAL A 319 5.49 -10.11 12.75
N ALA A 320 4.21 -10.18 12.36
CA ALA A 320 3.14 -9.46 13.03
C ALA A 320 2.39 -10.40 13.96
N ASP A 321 1.81 -9.83 15.01
CA ASP A 321 0.81 -10.53 15.80
C ASP A 321 -0.35 -10.94 14.90
N PRO A 322 -1.10 -12.00 15.26
CA PRO A 322 -2.26 -12.43 14.50
C PRO A 322 -3.28 -11.30 14.36
N TYR A 323 -3.87 -11.19 13.17
CA TYR A 323 -4.84 -10.14 12.87
C TYR A 323 -6.16 -10.78 12.50
N ASP A 324 -7.22 -10.38 13.21
CA ASP A 324 -8.54 -10.97 13.07
C ASP A 324 -9.31 -10.23 11.99
N GLN A 325 -9.45 -10.88 10.83
CA GLN A 325 -10.13 -10.32 9.67
C GLN A 325 -11.55 -10.86 9.52
N SER A 326 -12.10 -11.49 10.56
CA SER A 326 -13.41 -12.13 10.44
C SER A 326 -14.49 -11.08 10.11
N PHE A 327 -14.32 -9.86 10.62
CA PHE A 327 -15.26 -8.78 10.35
C PHE A 327 -15.51 -8.62 8.85
N GLU A 328 -14.54 -9.01 8.02
CA GLU A 328 -14.62 -8.79 6.58
C GLU A 328 -15.76 -9.55 5.91
N SER A 329 -16.20 -10.67 6.51
CA SER A 329 -17.23 -11.50 5.90
C SER A 329 -18.64 -11.04 6.32
N ARG A 330 -18.74 -10.01 7.17
CA ARG A 330 -20.01 -9.66 7.80
C ARG A 330 -20.74 -8.60 6.99
N ASP A 331 -22.07 -8.70 7.04
CA ASP A 331 -22.99 -7.77 6.41
C ASP A 331 -23.82 -7.12 7.50
N LEU A 332 -23.35 -5.95 7.98
CA LEU A 332 -23.98 -5.25 9.08
C LEU A 332 -24.58 -3.94 8.57
N LEU A 333 -25.35 -3.27 9.44
CA LEU A 333 -25.93 -1.97 9.11
C LEU A 333 -24.93 -0.85 9.40
N ILE A 334 -25.25 0.36 8.93
CA ILE A 334 -24.41 1.54 9.15
C ILE A 334 -24.10 1.66 10.64
N ASP A 335 -25.16 1.66 11.44
CA ASP A 335 -25.09 1.97 12.86
C ASP A 335 -24.28 0.92 13.62
N GLU A 336 -24.24 -0.30 13.09
CA GLU A 336 -23.43 -1.37 13.66
C GLU A 336 -21.94 -1.11 13.39
N TRP A 337 -21.58 -0.88 12.12
CA TRP A 337 -20.20 -0.56 11.77
C TRP A 337 -19.73 0.68 12.53
N LYS A 338 -20.61 1.68 12.58
CA LYS A 338 -20.29 2.97 13.19
C LYS A 338 -20.08 2.79 14.68
N SER A 339 -20.88 1.92 15.31
CA SER A 339 -20.72 1.62 16.72
C SER A 339 -19.46 0.79 16.97
N LEU A 340 -19.16 -0.16 16.07
CA LEU A 340 -17.92 -0.93 16.15
C LEU A 340 -16.72 0.01 16.04
N THR A 341 -16.79 1.02 15.15
CA THR A 341 -15.71 1.97 15.00
C THR A 341 -15.52 2.79 16.28
N TYR A 342 -16.64 3.24 16.86
CA TYR A 342 -16.60 4.07 18.06
C TYR A 342 -15.93 3.28 19.20
N ASP A 343 -16.33 2.01 19.36
CA ASP A 343 -15.68 1.12 20.32
C ASP A 343 -14.16 1.17 20.15
N GLU A 344 -13.70 1.04 18.89
CA GLU A 344 -12.27 0.99 18.60
C GLU A 344 -11.59 2.32 18.94
N VAL A 345 -12.32 3.43 18.77
CA VAL A 345 -11.77 4.74 19.12
C VAL A 345 -11.56 4.80 20.65
N ILE A 346 -12.58 4.40 21.42
CA ILE A 346 -12.54 4.53 22.87
C ILE A 346 -11.47 3.62 23.47
N SER A 347 -11.28 2.42 22.91
CA SER A 347 -10.38 1.43 23.47
C SER A 347 -8.93 1.64 23.01
N PHE A 348 -8.69 2.67 22.18
CA PHE A 348 -7.36 2.93 21.67
C PHE A 348 -6.42 3.28 22.82
N VAL A 349 -5.37 2.45 22.99
CA VAL A 349 -4.34 2.73 23.97
C VAL A 349 -3.21 3.45 23.24
N PRO A 350 -2.89 4.71 23.59
CA PRO A 350 -1.75 5.39 22.98
C PRO A 350 -0.49 4.56 23.20
N PRO A 351 0.39 4.44 22.18
CA PRO A 351 1.65 3.73 22.37
C PRO A 351 2.55 4.50 23.33
N PRO A 352 3.31 3.81 24.21
CA PRO A 352 4.21 4.49 25.14
C PRO A 352 5.24 5.33 24.38
N LEU A 353 5.52 6.53 24.91
CA LEU A 353 6.37 7.50 24.26
C LEU A 353 7.76 6.93 23.99
N ASP A 354 8.26 6.08 24.91
CA ASP A 354 9.51 5.38 24.71
C ASP A 354 9.32 4.30 23.64
O2 IIM B . -4.13 7.23 -2.72
C1 IIM B . -3.23 9.62 -3.39
S1 IIM B . -2.84 7.99 -2.75
CA1 IIM B . -2.98 8.24 1.29
CA2 IIM B . -3.24 7.90 -0.01
CA3 IIM B . -2.50 8.46 -1.04
CA4 IIM B . -1.50 9.35 -0.76
CA5 IIM B . -1.24 9.69 0.56
CA6 IIM B . -2.00 9.17 1.61
NB1 IIM B . 2.99 11.89 6.56
CB2 IIM B . 2.41 10.79 7.04
CB3 IIM B . 1.29 10.21 6.49
CB4 IIM B . 0.70 10.79 5.37
CB5 IIM B . 1.32 11.91 4.85
CB6 IIM B . 2.44 12.43 5.46
NC1 IIM B . -0.51 10.11 3.34
CC2 IIM B . -1.65 9.48 2.98
NC3 IIM B . -2.32 9.07 4.07
CC4 IIM B . -1.58 9.51 5.16
CC5 IIM B . -0.45 10.17 4.71
CD1 IIM B . -1.84 10.20 7.53
CD2 IIM B . -2.20 9.93 8.84
CD3 IIM B . -2.69 8.70 9.15
CD4 IIM B . -2.85 7.71 8.22
CD5 IIM B . -2.51 7.98 6.90
CD6 IIM B . -2.02 9.24 6.53
FD3 IIM B . -3.02 8.45 10.44
C1 87B C . 5.48 4.55 18.36
C10 87B C . 7.80 5.31 18.56
C11 87B C . 6.81 4.53 17.92
C12 87B C . 4.41 4.17 15.33
C13 87B C . 3.26 4.80 14.90
C14 87B C . 3.32 5.81 13.94
C15 87B C . 4.54 6.19 13.43
C16 87B C . 5.69 5.58 13.88
C17 87B C . 5.63 4.58 14.81
C2 87B C . 5.18 5.40 19.44
C3 87B C . 6.14 6.18 20.07
C4 87B C . 7.46 6.14 19.63
C5 87B C . 9.61 6.38 19.27
C6 87B C . 11.00 6.86 19.41
C7 87B C . 12.05 5.75 19.39
C8 87B C . 12.50 6.14 20.81
C9 87B C . 11.43 7.22 20.83
N1 87B C . 4.42 3.86 17.83
N2 87B C . 8.57 6.79 20.04
N3 87B C . 9.13 5.48 18.36
O1 87B C . 5.48 2.06 16.32
O2 87B C . 3.07 2.29 16.36
S1 87B C . 4.37 3.03 16.44
#